data_4A91
#
_entry.id   4A91
#
_cell.length_a   39.100
_cell.length_b   115.030
_cell.length_c   154.400
_cell.angle_alpha   90.00
_cell.angle_beta   90.00
_cell.angle_gamma   90.00
#
_symmetry.space_group_name_H-M   'C 2 2 21'
#
loop_
_entity.id
_entity.type
_entity.pdbx_description
1 polymer 'GLUTAMYL-Q TRNA(ASP) SYNTHETASE'
2 non-polymer 'GLUTAMIC ACID'
3 non-polymer 'ZINC ION'
4 water water
#
_entity_poly.entity_id   1
_entity_poly.type   'polypeptide(L)'
_entity_poly.pdbx_seq_one_letter_code
;MTDTQYIGRFAPSPSGELHFGSLIAALGSYLQARARQGRWLVRIEDIDPPREVPGAAETILRQLEHYGLHWDGDVLWQSQ
RHDAYREALAWLHEQGLSYYCTCTRARIQSIGGIYDGHCRVLHHGPDNAAVRIRQQHPVTQFTDQLRGIIHADEKLARED
FIIHRRDGLFAYNLAVVVDDHFQGVTEIVRGADLIEPTVRQISLYQLFGWKVPDYIHLPLALNPQGAKLSKQNHAPALPK
GDPRPVLIAALQFLGQQAEAHWQDFSVEQILQSAVKNWRLTAVPESAIVNSTFSNASC
;
_entity_poly.pdbx_strand_id   A
#
loop_
_chem_comp.id
_chem_comp.type
_chem_comp.name
_chem_comp.formula
ZN non-polymer 'ZINC ION' 'Zn 2'
#
# COMPACT_ATOMS: atom_id res chain seq x y z
N ASP A 3 -3.00 2.63 23.72
CA ASP A 3 -4.06 3.41 24.37
C ASP A 3 -4.86 4.22 23.35
N THR A 4 -4.16 4.82 22.39
CA THR A 4 -4.81 5.62 21.35
C THR A 4 -5.54 4.72 20.35
N GLN A 5 -6.51 5.29 19.64
CA GLN A 5 -7.34 4.50 18.75
C GLN A 5 -6.53 3.92 17.59
N TYR A 6 -6.91 2.70 17.21
CA TYR A 6 -6.42 2.09 15.97
C TYR A 6 -6.83 2.98 14.80
N ILE A 7 -5.90 3.18 13.86
CA ILE A 7 -6.23 3.86 12.62
C ILE A 7 -5.62 3.07 11.46
N GLY A 8 -6.47 2.62 10.55
CA GLY A 8 -6.03 1.90 9.36
C GLY A 8 -6.49 2.63 8.11
N ARG A 9 -6.08 2.16 6.93
CA ARG A 9 -6.48 2.87 5.72
C ARG A 9 -6.42 2.01 4.47
N PHE A 10 -7.17 2.44 3.45
CA PHE A 10 -7.11 1.86 2.12
C PHE A 10 -6.59 2.97 1.22
N ALA A 11 -5.50 2.71 0.49
CA ALA A 11 -4.82 3.76 -0.27
C ALA A 11 -4.61 3.40 -1.74
N PRO A 12 -5.71 3.33 -2.52
CA PRO A 12 -5.59 2.88 -3.91
C PRO A 12 -4.94 3.89 -4.85
N SER A 13 -4.25 3.38 -5.87
CA SER A 13 -3.79 4.20 -6.98
C SER A 13 -4.86 4.25 -8.07
N PRO A 14 -5.19 5.45 -8.55
CA PRO A 14 -6.25 5.57 -9.54
C PRO A 14 -5.77 5.29 -10.97
N SER A 15 -5.06 4.19 -11.16
CA SER A 15 -4.61 3.78 -12.48
C SER A 15 -5.65 2.88 -13.14
N GLY A 16 -6.74 2.60 -12.44
CA GLY A 16 -7.84 1.81 -12.96
C GLY A 16 -8.93 1.78 -11.91
N GLU A 17 -10.03 1.09 -12.17
CA GLU A 17 -11.07 1.02 -11.15
C GLU A 17 -10.74 -0.16 -10.23
N LEU A 18 -11.58 -0.40 -9.23
CA LEU A 18 -11.34 -1.51 -8.33
C LEU A 18 -11.47 -2.82 -9.07
N HIS A 19 -10.60 -3.76 -8.75
CA HIS A 19 -10.73 -5.14 -9.22
C HIS A 19 -10.73 -6.03 -7.98
N PHE A 20 -10.82 -7.34 -8.19
CA PHE A 20 -10.95 -8.24 -7.03
C PHE A 20 -9.80 -8.07 -6.03
N GLY A 21 -8.56 -7.97 -6.53
CA GLY A 21 -7.40 -7.83 -5.68
C GLY A 21 -7.44 -6.56 -4.83
N SER A 22 -7.81 -5.44 -5.44
CA SER A 22 -7.90 -4.23 -4.64
C SER A 22 -9.13 -4.25 -3.72
N LEU A 23 -10.21 -4.93 -4.10
CA LEU A 23 -11.35 -5.12 -3.18
C LEU A 23 -10.89 -5.89 -1.95
N ILE A 24 -10.04 -6.90 -2.16
CA ILE A 24 -9.50 -7.67 -1.02
C ILE A 24 -8.76 -6.74 -0.05
N ALA A 25 -7.94 -5.83 -0.58
CA ALA A 25 -7.22 -4.88 0.25
C ALA A 25 -8.16 -3.92 0.99
N ALA A 26 -9.16 -3.41 0.29
CA ALA A 26 -10.12 -2.50 0.93
C ALA A 26 -10.91 -3.23 2.01
N LEU A 27 -11.39 -4.42 1.69
CA LEU A 27 -12.22 -5.17 2.64
C LEU A 27 -11.41 -5.64 3.84
N GLY A 28 -10.22 -6.18 3.58
CA GLY A 28 -9.37 -6.66 4.66
C GLY A 28 -8.99 -5.54 5.61
N SER A 29 -8.58 -4.39 5.07
CA SER A 29 -8.23 -3.27 5.94
C SER A 29 -9.44 -2.73 6.70
N TYR A 30 -10.61 -2.71 6.04
CA TYR A 30 -11.83 -2.24 6.67
C TYR A 30 -12.23 -3.16 7.83
N LEU A 31 -12.23 -4.46 7.58
CA LEU A 31 -12.71 -5.40 8.60
C LEU A 31 -11.79 -5.42 9.81
N GLN A 32 -10.48 -5.39 9.57
CA GLN A 32 -9.53 -5.34 10.68
C GLN A 32 -9.68 -4.04 11.48
N ALA A 33 -9.80 -2.90 10.79
CA ALA A 33 -9.99 -1.62 11.45
C ALA A 33 -11.25 -1.64 12.31
N ARG A 34 -12.38 -2.04 11.73
CA ARG A 34 -13.64 -2.06 12.46
C ARG A 34 -13.64 -3.08 13.60
N ALA A 35 -13.03 -4.23 13.38
CA ALA A 35 -12.95 -5.25 14.43
C ALA A 35 -12.14 -4.72 15.62
N ARG A 36 -11.15 -3.90 15.33
CA ARG A 36 -10.30 -3.30 16.37
C ARG A 36 -10.90 -2.00 16.91
N GLN A 37 -12.14 -1.72 16.51
CA GLN A 37 -12.88 -0.54 16.99
C GLN A 37 -12.15 0.75 16.64
N GLY A 38 -11.54 0.76 15.45
CA GLY A 38 -10.72 1.90 15.04
C GLY A 38 -11.28 2.67 13.88
N ARG A 39 -10.48 3.61 13.37
CA ARG A 39 -10.89 4.42 12.23
C ARG A 39 -10.38 3.74 10.96
N TRP A 40 -11.10 3.94 9.84
CA TRP A 40 -10.67 3.44 8.55
C TRP A 40 -10.70 4.58 7.55
N LEU A 41 -9.52 4.96 7.06
CA LEU A 41 -9.39 6.12 6.20
C LEU A 41 -9.22 5.70 4.75
N VAL A 42 -9.58 6.59 3.82
CA VAL A 42 -9.28 6.37 2.42
C VAL A 42 -8.38 7.48 1.88
N ARG A 43 -7.29 7.09 1.21
CA ARG A 43 -6.37 8.03 0.59
C ARG A 43 -6.22 7.70 -0.89
N ILE A 44 -6.46 8.68 -1.74
CA ILE A 44 -6.27 8.46 -3.18
C ILE A 44 -4.83 8.78 -3.51
N GLU A 45 -4.12 7.79 -4.04
CA GLU A 45 -2.69 7.98 -4.28
C GLU A 45 -2.45 8.45 -5.72
N ASP A 46 -2.98 9.63 -6.01
CA ASP A 46 -2.90 10.20 -7.36
C ASP A 46 -1.65 11.07 -7.48
N ILE A 47 -0.50 10.41 -7.32
CA ILE A 47 0.78 11.08 -7.28
C ILE A 47 1.54 10.98 -8.62
N ASP A 48 0.91 10.36 -9.62
CA ASP A 48 1.55 10.10 -10.91
C ASP A 48 0.56 10.35 -12.04
N PRO A 49 0.31 11.63 -12.34
CA PRO A 49 -0.67 12.09 -13.33
C PRO A 49 -0.68 11.29 -14.64
N PRO A 50 0.51 11.00 -15.22
CA PRO A 50 0.59 10.30 -16.50
C PRO A 50 -0.10 8.94 -16.50
N ARG A 51 0.09 8.17 -15.44
CA ARG A 51 -0.47 6.83 -15.34
C ARG A 51 -1.88 6.82 -14.75
N GLU A 52 -2.33 7.98 -14.29
CA GLU A 52 -3.68 8.08 -13.73
C GLU A 52 -4.70 8.10 -14.86
N VAL A 53 -5.89 7.59 -14.58
CA VAL A 53 -6.98 7.66 -15.53
C VAL A 53 -8.00 8.65 -15.01
N PRO A 54 -8.32 9.68 -15.82
CA PRO A 54 -9.39 10.62 -15.46
C PRO A 54 -10.68 9.87 -15.10
N GLY A 55 -11.25 10.18 -13.93
CA GLY A 55 -12.48 9.56 -13.49
C GLY A 55 -12.28 8.31 -12.63
N ALA A 56 -11.09 7.72 -12.63
CA ALA A 56 -10.90 6.45 -11.93
C ALA A 56 -11.01 6.62 -10.42
N ALA A 57 -10.47 7.72 -9.91
CA ALA A 57 -10.50 7.95 -8.46
C ALA A 57 -11.95 8.04 -8.01
N GLU A 58 -12.74 8.81 -8.74
CA GLU A 58 -14.15 8.94 -8.41
C GLU A 58 -14.88 7.59 -8.53
N THR A 59 -14.54 6.81 -9.56
CA THR A 59 -15.14 5.48 -9.71
C THR A 59 -14.86 4.61 -8.49
N ILE A 60 -13.61 4.62 -8.06
CA ILE A 60 -13.18 3.86 -6.87
C ILE A 60 -14.00 4.25 -5.64
N LEU A 61 -14.13 5.55 -5.38
CA LEU A 61 -14.89 5.98 -4.19
C LEU A 61 -16.34 5.53 -4.31
N ARG A 62 -16.91 5.64 -5.50
CA ARG A 62 -18.29 5.21 -5.74
C ARG A 62 -18.41 3.70 -5.53
N GLN A 63 -17.41 2.95 -6.00
CA GLN A 63 -17.39 1.50 -5.82
C GLN A 63 -17.32 1.11 -4.36
N LEU A 64 -16.49 1.80 -3.58
CA LEU A 64 -16.39 1.49 -2.15
C LEU A 64 -17.75 1.62 -1.50
N GLU A 65 -18.45 2.71 -1.81
CA GLU A 65 -19.75 2.94 -1.20
C GLU A 65 -20.77 1.89 -1.63
N HIS A 66 -20.70 1.50 -2.90
CA HIS A 66 -21.58 0.50 -3.49
C HIS A 66 -21.43 -0.84 -2.76
N TYR A 67 -20.19 -1.13 -2.34
CA TYR A 67 -19.89 -2.38 -1.65
C TYR A 67 -20.02 -2.24 -0.14
N GLY A 68 -20.54 -1.09 0.30
CA GLY A 68 -20.86 -0.88 1.71
C GLY A 68 -19.70 -0.42 2.59
N LEU A 69 -18.59 -0.04 1.97
CA LEU A 69 -17.37 0.29 2.71
C LEU A 69 -17.21 1.79 2.89
N HIS A 70 -17.67 2.30 4.04
CA HIS A 70 -17.68 3.74 4.29
C HIS A 70 -16.52 4.17 5.18
N TRP A 71 -15.80 5.19 4.71
CA TRP A 71 -14.60 5.64 5.40
C TRP A 71 -14.92 6.75 6.40
N ASP A 72 -13.98 6.98 7.31
CA ASP A 72 -14.10 8.04 8.29
C ASP A 72 -13.45 9.31 7.80
N GLY A 73 -14.06 10.45 8.10
CA GLY A 73 -13.47 11.73 7.75
C GLY A 73 -13.44 12.02 6.26
N ASP A 74 -12.52 12.88 5.87
CA ASP A 74 -12.37 13.26 4.46
C ASP A 74 -11.34 12.38 3.77
N VAL A 75 -11.57 12.12 2.48
CA VAL A 75 -10.58 11.47 1.64
C VAL A 75 -9.35 12.38 1.50
N LEU A 76 -8.16 11.83 1.68
CA LEU A 76 -6.92 12.57 1.43
C LEU A 76 -6.47 12.29 0.01
N TRP A 77 -6.07 13.34 -0.71
CA TRP A 77 -5.61 13.22 -2.09
C TRP A 77 -4.13 13.57 -2.17
N GLN A 78 -3.30 12.65 -2.64
CA GLN A 78 -1.86 12.90 -2.70
C GLN A 78 -1.52 14.04 -3.66
N SER A 79 -2.39 14.27 -4.64
CA SER A 79 -2.20 15.40 -5.55
C SER A 79 -2.30 16.73 -4.81
N GLN A 80 -2.82 16.70 -3.59
CA GLN A 80 -2.88 17.88 -2.72
C GLN A 80 -1.88 17.82 -1.57
N ARG A 81 -0.82 17.03 -1.73
CA ARG A 81 0.15 16.85 -0.66
C ARG A 81 1.58 17.13 -1.11
N HIS A 82 1.74 17.72 -2.29
CA HIS A 82 3.08 17.94 -2.82
C HIS A 82 3.92 18.82 -1.92
N ASP A 83 3.32 19.81 -1.28
CA ASP A 83 4.05 20.64 -0.34
C ASP A 83 4.55 19.84 0.86
N ALA A 84 3.76 18.86 1.31
CA ALA A 84 4.18 18.00 2.40
C ALA A 84 5.37 17.12 2.01
N TYR A 85 5.38 16.60 0.79
CA TYR A 85 6.51 15.76 0.37
C TYR A 85 7.76 16.62 0.23
N ARG A 86 7.60 17.82 -0.32
CA ARG A 86 8.70 18.76 -0.42
C ARG A 86 9.27 19.09 0.94
N GLU A 87 8.39 19.32 1.90
CA GLU A 87 8.80 19.68 3.26
C GLU A 87 9.62 18.55 3.88
N ALA A 88 9.18 17.30 3.68
CA ALA A 88 9.90 16.16 4.24
C ALA A 88 11.27 15.99 3.58
N LEU A 89 11.34 16.19 2.28
CA LEU A 89 12.61 16.14 1.57
C LEU A 89 13.57 17.23 2.03
N ALA A 90 13.06 18.43 2.25
CA ALA A 90 13.91 19.53 2.73
C ALA A 90 14.53 19.17 4.08
N TRP A 91 13.73 18.55 4.94
CA TRP A 91 14.19 18.16 6.27
C TRP A 91 15.28 17.09 6.15
N LEU A 92 15.05 16.08 5.31
CA LEU A 92 16.08 15.05 5.14
C LEU A 92 17.38 15.69 4.65
N HIS A 93 17.29 16.63 3.72
CA HIS A 93 18.51 17.22 3.21
C HIS A 93 19.23 18.03 4.28
N GLU A 94 18.49 18.82 5.03
CA GLU A 94 19.12 19.64 6.08
C GLU A 94 19.76 18.76 7.15
N GLN A 95 19.19 17.58 7.37
CA GLN A 95 19.66 16.67 8.40
C GLN A 95 20.82 15.79 7.92
N GLY A 96 21.19 15.94 6.65
CA GLY A 96 22.28 15.15 6.08
C GLY A 96 21.86 13.73 5.77
N LEU A 97 20.58 13.52 5.50
CA LEU A 97 20.04 12.18 5.30
C LEU A 97 19.67 11.85 3.85
N SER A 98 20.00 12.74 2.93
CA SER A 98 19.71 12.50 1.53
C SER A 98 20.77 13.15 0.67
N TYR A 99 20.85 12.74 -0.59
CA TYR A 99 21.77 13.37 -1.53
C TYR A 99 21.22 13.34 -2.94
N TYR A 100 21.81 14.15 -3.82
CA TYR A 100 21.38 14.20 -5.21
C TYR A 100 22.20 13.28 -6.09
N CYS A 101 21.52 12.51 -6.94
CA CYS A 101 22.18 11.52 -7.77
C CYS A 101 21.95 11.84 -9.24
N THR A 102 23.05 11.91 -10.00
CA THR A 102 22.99 12.24 -11.42
C THR A 102 23.27 11.04 -12.32
N CYS A 103 23.29 9.84 -11.73
CA CYS A 103 23.54 8.62 -12.49
C CYS A 103 22.39 8.27 -13.42
N THR A 104 22.74 7.75 -14.59
CA THR A 104 21.73 7.35 -15.57
C THR A 104 21.19 5.96 -15.26
N ARG A 105 20.04 5.63 -15.83
CA ARG A 105 19.49 4.28 -15.70
C ARG A 105 20.42 3.27 -16.35
N ALA A 106 21.07 3.68 -17.42
CA ALA A 106 22.01 2.82 -18.12
C ALA A 106 23.15 2.43 -17.19
N ARG A 107 23.64 3.40 -16.44
CA ARG A 107 24.72 3.13 -15.51
C ARG A 107 24.29 2.12 -14.44
N ILE A 108 23.11 2.35 -13.85
CA ILE A 108 22.63 1.45 -12.80
C ILE A 108 22.40 0.05 -13.33
N GLN A 109 21.86 -0.06 -14.53
CA GLN A 109 21.65 -1.38 -15.14
C GLN A 109 22.97 -2.12 -15.33
N SER A 110 24.00 -1.38 -15.71
CA SER A 110 25.30 -1.98 -16.04
C SER A 110 25.99 -2.59 -14.83
N ILE A 111 25.66 -2.11 -13.63
CA ILE A 111 26.28 -2.63 -12.42
C ILE A 111 25.37 -3.58 -11.65
N GLY A 112 24.27 -4.00 -12.28
CA GLY A 112 23.45 -5.06 -11.72
C GLY A 112 22.07 -4.63 -11.27
N GLY A 113 21.74 -3.36 -11.48
CA GLY A 113 20.39 -2.87 -11.22
C GLY A 113 20.16 -2.31 -9.83
N ILE A 114 21.11 -2.52 -8.93
CA ILE A 114 21.01 -1.97 -7.58
C ILE A 114 22.06 -0.87 -7.37
N TYR A 115 21.62 0.29 -6.90
CA TYR A 115 22.52 1.43 -6.77
C TYR A 115 23.70 1.15 -5.84
N ASP A 116 24.86 1.72 -6.17
CA ASP A 116 26.11 1.45 -5.47
C ASP A 116 26.56 2.58 -4.53
N GLY A 117 25.74 3.63 -4.43
CA GLY A 117 26.06 4.76 -3.57
C GLY A 117 27.05 5.74 -4.20
N HIS A 118 27.12 5.72 -5.52
CA HIS A 118 28.10 6.55 -6.26
C HIS A 118 28.12 8.02 -5.83
N CYS A 119 26.94 8.65 -5.78
CA CYS A 119 26.87 10.09 -5.53
C CYS A 119 26.84 10.46 -4.04
N ARG A 120 26.96 9.45 -3.19
CA ARG A 120 26.74 9.60 -1.75
C ARG A 120 27.51 10.77 -1.15
N VAL A 121 28.77 10.92 -1.54
CA VAL A 121 29.58 12.01 -1.00
C VAL A 121 30.16 12.95 -2.07
N LEU A 122 29.46 13.08 -3.19
CA LEU A 122 29.92 13.92 -4.30
C LEU A 122 29.35 15.33 -4.29
N HIS A 123 28.35 15.56 -3.43
CA HIS A 123 27.75 16.89 -3.27
C HIS A 123 27.25 17.53 -4.57
N HIS A 124 26.62 16.73 -5.43
CA HIS A 124 25.94 17.28 -6.59
C HIS A 124 24.78 18.16 -6.12
N GLY A 125 24.44 19.15 -6.93
CA GLY A 125 23.25 19.95 -6.67
C GLY A 125 22.02 19.24 -7.19
N PRO A 126 20.83 19.83 -6.98
CA PRO A 126 19.56 19.23 -7.39
C PRO A 126 19.34 19.23 -8.91
N ASP A 127 20.24 19.85 -9.66
CA ASP A 127 20.04 20.03 -11.10
C ASP A 127 20.03 18.74 -11.91
N ASN A 128 18.89 18.44 -12.51
CA ASN A 128 18.72 17.22 -13.28
C ASN A 128 19.18 16.01 -12.46
N ALA A 129 18.83 16.02 -11.19
CA ALA A 129 19.19 14.93 -10.28
C ALA A 129 17.97 14.28 -9.61
N ALA A 130 18.14 13.02 -9.23
CA ALA A 130 17.18 12.34 -8.38
C ALA A 130 17.64 12.53 -6.94
N VAL A 131 16.73 12.40 -5.98
CA VAL A 131 17.12 12.41 -4.58
C VAL A 131 17.12 10.98 -4.06
N ARG A 132 18.23 10.56 -3.46
CA ARG A 132 18.30 9.25 -2.81
C ARG A 132 18.40 9.38 -1.30
N ILE A 133 17.83 8.40 -0.59
CA ILE A 133 17.99 8.34 0.86
C ILE A 133 19.41 7.89 1.19
N ARG A 134 20.01 8.46 2.23
CA ARG A 134 21.33 8.01 2.67
C ARG A 134 21.17 7.03 3.81
N GLN A 135 21.04 5.74 3.48
CA GLN A 135 20.73 4.74 4.50
C GLN A 135 21.88 4.62 5.50
N GLN A 136 21.53 4.35 6.74
CA GLN A 136 22.53 4.21 7.79
C GLN A 136 22.55 2.79 8.32
N HIS A 137 21.37 2.30 8.68
CA HIS A 137 21.22 0.96 9.19
C HIS A 137 19.97 0.36 8.57
N PRO A 138 20.11 -0.18 7.35
CA PRO A 138 18.92 -0.65 6.64
C PRO A 138 18.23 -1.78 7.40
N VAL A 139 16.91 -1.69 7.42
CA VAL A 139 16.05 -2.75 7.92
C VAL A 139 16.00 -3.89 6.91
N THR A 140 16.23 -5.12 7.38
CA THR A 140 16.18 -6.27 6.46
C THR A 140 15.13 -7.32 6.83
N GLN A 141 14.47 -7.13 7.97
CA GLN A 141 13.40 -8.03 8.41
C GLN A 141 12.31 -7.20 9.03
N PHE A 142 11.08 -7.68 9.02
CA PHE A 142 10.02 -6.98 9.74
C PHE A 142 9.00 -7.94 10.32
N THR A 143 8.20 -7.43 11.25
CA THR A 143 7.10 -8.21 11.82
C THR A 143 5.80 -7.97 11.07
N ASP A 144 5.22 -9.04 10.56
CA ASP A 144 3.88 -8.98 10.01
C ASP A 144 2.96 -9.60 11.06
N GLN A 145 1.88 -8.89 11.42
CA GLN A 145 1.02 -9.34 12.50
C GLN A 145 0.26 -10.62 12.17
N LEU A 146 0.20 -10.95 10.88
CA LEU A 146 -0.46 -12.16 10.41
C LEU A 146 0.57 -13.23 10.02
N ARG A 147 1.58 -12.83 9.26
CA ARG A 147 2.51 -13.79 8.69
C ARG A 147 3.73 -14.11 9.57
N GLY A 148 3.93 -13.31 10.60
CA GLY A 148 5.10 -13.48 11.45
C GLY A 148 6.28 -12.69 10.91
N ILE A 149 7.50 -13.08 11.28
CA ILE A 149 8.69 -12.34 10.83
C ILE A 149 9.04 -12.66 9.38
N ILE A 150 9.20 -11.61 8.57
N ILE A 150 9.18 -11.60 8.58
CA ILE A 150 9.48 -11.78 7.14
CA ILE A 150 9.50 -11.69 7.17
C ILE A 150 10.86 -11.25 6.79
C ILE A 150 10.95 -11.32 6.96
N HIS A 151 11.66 -12.08 6.14
CA HIS A 151 13.04 -11.74 5.77
C HIS A 151 13.06 -11.21 4.36
N ALA A 152 13.46 -9.95 4.21
CA ALA A 152 13.45 -9.29 2.90
C ALA A 152 14.71 -9.62 2.09
N ASP A 153 14.68 -9.34 0.79
CA ASP A 153 15.88 -9.46 -0.03
C ASP A 153 16.90 -8.44 0.46
N GLU A 154 18.08 -8.90 0.85
CA GLU A 154 19.05 -8.02 1.51
C GLU A 154 19.61 -6.93 0.59
N LYS A 155 19.96 -7.29 -0.64
CA LYS A 155 20.51 -6.31 -1.56
C LYS A 155 19.55 -5.15 -1.82
N LEU A 156 18.29 -5.48 -2.10
CA LEU A 156 17.27 -4.45 -2.33
C LEU A 156 17.03 -3.63 -1.06
N ALA A 157 17.02 -4.30 0.10
CA ALA A 157 16.75 -3.63 1.36
C ALA A 157 17.81 -2.59 1.70
N ARG A 158 19.05 -2.83 1.26
CA ARG A 158 20.16 -1.98 1.67
C ARG A 158 20.45 -0.83 0.70
N GLU A 159 19.74 -0.79 -0.42
CA GLU A 159 19.97 0.22 -1.43
C GLU A 159 19.65 1.63 -0.93
N ASP A 160 20.46 2.61 -1.31
CA ASP A 160 20.09 4.01 -1.13
C ASP A 160 19.02 4.33 -2.18
N PHE A 161 17.77 4.00 -1.85
CA PHE A 161 16.69 4.07 -2.83
C PHE A 161 16.20 5.49 -3.12
N ILE A 162 15.47 5.61 -4.21
CA ILE A 162 15.00 6.92 -4.70
C ILE A 162 13.82 7.47 -3.90
N ILE A 163 13.89 8.76 -3.60
N ILE A 163 13.89 8.76 -3.60
CA ILE A 163 12.82 9.45 -2.88
CA ILE A 163 12.84 9.45 -2.86
C ILE A 163 12.09 10.41 -3.80
C ILE A 163 12.12 10.45 -3.75
N HIS A 164 12.84 10.98 -4.74
CA HIS A 164 12.31 11.99 -5.66
C HIS A 164 12.96 11.70 -7.00
N ARG A 165 12.14 11.38 -8.00
CA ARG A 165 12.67 10.92 -9.26
C ARG A 165 13.24 12.05 -10.10
N ARG A 166 14.12 11.68 -11.02
CA ARG A 166 14.77 12.67 -11.87
C ARG A 166 13.71 13.44 -12.65
N ASP A 167 12.62 12.76 -12.99
CA ASP A 167 11.53 13.39 -13.75
C ASP A 167 10.62 14.28 -12.89
N GLY A 168 10.91 14.37 -11.60
CA GLY A 168 10.19 15.28 -10.73
C GLY A 168 9.10 14.65 -9.87
N LEU A 169 8.77 13.39 -10.11
CA LEU A 169 7.70 12.73 -9.36
C LEU A 169 8.21 12.28 -8.00
N PHE A 170 7.37 12.42 -6.98
CA PHE A 170 7.71 11.93 -5.65
C PHE A 170 7.54 10.42 -5.61
N ALA A 171 8.50 9.72 -4.99
CA ALA A 171 8.46 8.27 -4.96
C ALA A 171 7.38 7.78 -4.01
N TYR A 172 6.74 6.66 -4.39
CA TYR A 172 5.80 5.97 -3.51
C TYR A 172 6.37 5.73 -2.10
N ASN A 173 7.60 5.25 -1.98
CA ASN A 173 8.15 4.96 -0.65
C ASN A 173 8.18 6.18 0.27
N LEU A 174 8.44 7.35 -0.32
CA LEU A 174 8.41 8.61 0.43
C LEU A 174 6.99 8.99 0.79
N ALA A 175 6.12 9.05 -0.22
CA ALA A 175 4.77 9.56 -0.02
C ALA A 175 3.97 8.70 0.96
N VAL A 176 4.13 7.38 0.88
CA VAL A 176 3.33 6.52 1.75
C VAL A 176 3.72 6.71 3.24
N VAL A 177 5.01 6.90 3.50
CA VAL A 177 5.47 7.11 4.88
C VAL A 177 5.04 8.49 5.38
N VAL A 178 5.28 9.52 4.58
CA VAL A 178 4.86 10.86 4.96
C VAL A 178 3.34 10.92 5.24
N ASP A 179 2.54 10.32 4.36
CA ASP A 179 1.09 10.41 4.51
C ASP A 179 0.50 9.51 5.59
N ASP A 180 1.02 8.30 5.73
CA ASP A 180 0.55 7.44 6.82
C ASP A 180 0.86 8.09 8.16
N HIS A 181 2.06 8.67 8.29
CA HIS A 181 2.43 9.36 9.53
C HIS A 181 1.50 10.55 9.76
N PHE A 182 1.27 11.33 8.70
CA PHE A 182 0.43 12.52 8.79
C PHE A 182 -0.99 12.15 9.21
N GLN A 183 -1.49 11.03 8.70
CA GLN A 183 -2.85 10.59 9.01
C GLN A 183 -2.96 9.79 10.30
N GLY A 184 -1.82 9.60 10.97
CA GLY A 184 -1.79 8.88 12.23
C GLY A 184 -2.06 7.39 12.13
N VAL A 185 -1.80 6.83 10.95
CA VAL A 185 -2.01 5.40 10.73
C VAL A 185 -1.19 4.55 11.71
N THR A 186 -1.86 3.62 12.37
CA THR A 186 -1.21 2.76 13.36
C THR A 186 -0.98 1.35 12.85
N GLU A 187 -1.74 0.95 11.83
CA GLU A 187 -1.54 -0.37 11.25
C GLU A 187 -1.87 -0.31 9.77
N ILE A 188 -1.00 -0.90 8.97
CA ILE A 188 -1.12 -0.91 7.52
C ILE A 188 -1.49 -2.34 7.11
N VAL A 189 -2.70 -2.50 6.56
CA VAL A 189 -3.23 -3.78 6.14
C VAL A 189 -3.39 -3.67 4.63
N ARG A 190 -2.59 -4.44 3.89
CA ARG A 190 -2.53 -4.22 2.45
C ARG A 190 -2.23 -5.50 1.68
N GLY A 191 -2.20 -5.38 0.35
CA GLY A 191 -1.97 -6.52 -0.52
C GLY A 191 -0.60 -7.18 -0.40
N ALA A 192 -0.56 -8.46 -0.71
CA ALA A 192 0.66 -9.26 -0.67
C ALA A 192 1.76 -8.71 -1.57
N ASP A 193 1.36 -8.07 -2.67
CA ASP A 193 2.33 -7.51 -3.61
C ASP A 193 3.17 -6.38 -3.01
N LEU A 194 2.77 -5.87 -1.85
CA LEU A 194 3.48 -4.77 -1.19
C LEU A 194 4.40 -5.22 -0.06
N ILE A 195 4.62 -6.52 0.07
CA ILE A 195 5.49 -7.03 1.12
C ILE A 195 6.93 -6.52 0.99
N GLU A 196 7.50 -6.59 -0.21
CA GLU A 196 8.94 -6.31 -0.36
C GLU A 196 9.39 -4.89 0.01
N PRO A 197 8.64 -3.86 -0.42
CA PRO A 197 9.07 -2.50 -0.09
C PRO A 197 8.88 -2.16 1.39
N THR A 198 8.20 -3.02 2.15
CA THR A 198 7.95 -2.70 3.56
C THR A 198 9.22 -2.35 4.32
N VAL A 199 10.29 -3.12 4.17
CA VAL A 199 11.49 -2.83 4.97
C VAL A 199 12.07 -1.46 4.64
N ARG A 200 11.98 -1.04 3.37
CA ARG A 200 12.48 0.29 2.99
C ARG A 200 11.68 1.39 3.66
N GLN A 201 10.36 1.22 3.68
CA GLN A 201 9.49 2.17 4.36
C GLN A 201 9.80 2.26 5.86
N ILE A 202 10.01 1.10 6.50
CA ILE A 202 10.39 1.10 7.90
C ILE A 202 11.73 1.82 8.11
N SER A 203 12.71 1.57 7.23
CA SER A 203 13.98 2.29 7.33
C SER A 203 13.73 3.79 7.29
N LEU A 204 12.80 4.19 6.42
CA LEU A 204 12.50 5.61 6.29
C LEU A 204 11.82 6.20 7.55
N TYR A 205 10.86 5.49 8.14
CA TYR A 205 10.27 5.92 9.42
C TYR A 205 11.37 6.17 10.45
N GLN A 206 12.31 5.23 10.50
CA GLN A 206 13.40 5.30 11.49
C GLN A 206 14.27 6.53 11.27
N LEU A 207 14.56 6.83 10.00
CA LEU A 207 15.37 8.00 9.68
C LEU A 207 14.66 9.32 9.99
N PHE A 208 13.34 9.36 9.82
CA PHE A 208 12.54 10.50 10.23
C PHE A 208 12.41 10.59 11.75
N GLY A 209 12.72 9.50 12.44
CA GLY A 209 12.52 9.44 13.88
C GLY A 209 11.05 9.29 14.25
N TRP A 210 10.28 8.63 13.39
CA TRP A 210 8.84 8.47 13.61
C TRP A 210 8.47 7.06 14.07
N LYS A 211 7.32 6.93 14.72
CA LYS A 211 6.85 5.65 15.21
C LYS A 211 6.49 4.72 14.05
N VAL A 212 7.08 3.53 14.06
CA VAL A 212 6.82 2.53 13.01
C VAL A 212 5.48 1.85 13.27
N PRO A 213 4.59 1.83 12.26
CA PRO A 213 3.29 1.20 12.46
C PRO A 213 3.38 -0.32 12.39
N ASP A 214 2.26 -0.98 12.65
CA ASP A 214 2.18 -2.41 12.47
C ASP A 214 1.80 -2.72 11.02
N TYR A 215 2.08 -3.95 10.60
CA TYR A 215 1.84 -4.36 9.20
C TYR A 215 1.09 -5.67 9.14
N ILE A 216 0.13 -5.76 8.20
CA ILE A 216 -0.50 -7.03 7.86
C ILE A 216 -0.57 -7.10 6.34
N HIS A 217 0.01 -8.15 5.77
CA HIS A 217 -0.14 -8.39 4.34
C HIS A 217 -1.10 -9.55 4.05
N LEU A 218 -2.12 -9.23 3.26
CA LEU A 218 -3.22 -10.13 2.98
C LEU A 218 -2.81 -11.28 2.05
N PRO A 219 -3.72 -12.25 1.79
CA PRO A 219 -3.29 -13.41 1.00
C PRO A 219 -2.84 -13.06 -0.41
N LEU A 220 -1.79 -13.73 -0.88
CA LEU A 220 -1.35 -13.66 -2.27
C LEU A 220 -2.45 -14.25 -3.15
N ALA A 221 -2.91 -13.48 -4.13
CA ALA A 221 -4.01 -13.94 -4.97
C ALA A 221 -3.46 -14.75 -6.12
N LEU A 222 -4.02 -15.95 -6.32
CA LEU A 222 -3.63 -16.80 -7.44
C LEU A 222 -4.81 -16.99 -8.38
N ASN A 223 -4.52 -17.12 -9.67
CA ASN A 223 -5.57 -17.49 -10.62
C ASN A 223 -5.89 -18.99 -10.47
N PRO A 224 -6.94 -19.47 -11.14
CA PRO A 224 -7.34 -20.88 -10.92
C PRO A 224 -6.26 -21.90 -11.28
N GLN A 225 -5.32 -21.49 -12.14
CA GLN A 225 -4.26 -22.39 -12.60
C GLN A 225 -3.11 -22.43 -11.60
N GLY A 226 -3.18 -21.57 -10.59
CA GLY A 226 -2.21 -21.59 -9.51
C GLY A 226 -1.09 -20.58 -9.70
N ALA A 227 -1.22 -19.70 -10.68
CA ALA A 227 -0.23 -18.66 -10.95
C ALA A 227 -0.64 -17.35 -10.29
N LYS A 228 0.33 -16.46 -10.08
CA LYS A 228 0.04 -15.15 -9.48
C LYS A 228 -0.94 -14.36 -10.31
N LEU A 229 -2.03 -13.92 -9.67
CA LEU A 229 -3.06 -13.17 -10.37
C LEU A 229 -2.53 -11.80 -10.78
N SER A 230 -1.77 -11.18 -9.88
CA SER A 230 -1.25 -9.83 -10.10
C SER A 230 -0.43 -9.74 -11.38
N LYS A 231 0.22 -10.85 -11.73
CA LYS A 231 1.04 -10.89 -12.93
C LYS A 231 0.19 -10.79 -14.20
N GLN A 232 -0.28 -9.58 -14.46
CA GLN A 232 -1.07 -9.28 -15.67
C GLN A 232 -2.37 -10.06 -15.74
N ALA A 235 -6.98 -7.14 -15.60
CA ALA A 235 -7.83 -7.60 -14.50
C ALA A 235 -9.24 -7.01 -14.60
N PRO A 236 -10.26 -7.87 -14.61
CA PRO A 236 -11.67 -7.48 -14.77
C PRO A 236 -12.10 -6.51 -13.69
N ALA A 237 -12.83 -5.47 -14.07
CA ALA A 237 -13.39 -4.55 -13.09
C ALA A 237 -14.39 -5.31 -12.23
N LEU A 238 -14.66 -4.81 -11.03
CA LEU A 238 -15.72 -5.38 -10.20
C LEU A 238 -17.06 -5.13 -10.90
N PRO A 239 -17.92 -6.15 -10.92
CA PRO A 239 -19.28 -5.98 -11.46
C PRO A 239 -19.97 -4.72 -10.92
N LYS A 240 -20.66 -3.99 -11.80
CA LYS A 240 -21.40 -2.80 -11.43
C LYS A 240 -22.70 -3.16 -10.73
N GLY A 241 -23.17 -4.39 -10.94
CA GLY A 241 -24.44 -4.83 -10.39
C GLY A 241 -24.38 -5.26 -8.94
N ASP A 242 -25.18 -6.26 -8.60
CA ASP A 242 -25.30 -6.75 -7.21
C ASP A 242 -23.93 -7.09 -6.64
N PRO A 243 -23.50 -6.32 -5.64
CA PRO A 243 -22.17 -6.56 -5.05
C PRO A 243 -22.12 -7.75 -4.09
N ARG A 244 -23.27 -8.31 -3.71
CA ARG A 244 -23.28 -9.32 -2.65
C ARG A 244 -22.46 -10.58 -2.95
N PRO A 245 -22.69 -11.21 -4.12
CA PRO A 245 -21.90 -12.41 -4.39
C PRO A 245 -20.39 -12.11 -4.46
N VAL A 246 -20.01 -10.91 -4.88
CA VAL A 246 -18.61 -10.53 -4.92
C VAL A 246 -18.04 -10.37 -3.51
N LEU A 247 -18.79 -9.74 -2.63
CA LEU A 247 -18.38 -9.60 -1.24
C LEU A 247 -18.24 -10.97 -0.57
N ILE A 248 -19.20 -11.86 -0.84
CA ILE A 248 -19.12 -13.22 -0.31
C ILE A 248 -17.85 -13.93 -0.80
N ALA A 249 -17.54 -13.79 -2.09
CA ALA A 249 -16.31 -14.38 -2.63
C ALA A 249 -15.07 -13.78 -1.97
N ALA A 250 -15.11 -12.48 -1.70
CA ALA A 250 -13.96 -11.82 -1.05
C ALA A 250 -13.79 -12.28 0.39
N LEU A 251 -14.89 -12.50 1.10
CA LEU A 251 -14.81 -13.02 2.46
C LEU A 251 -14.24 -14.44 2.47
N GLN A 252 -14.63 -15.23 1.49
CA GLN A 252 -14.10 -16.59 1.36
C GLN A 252 -12.60 -16.59 1.08
N PHE A 253 -12.16 -15.69 0.20
CA PHE A 253 -10.75 -15.51 -0.11
C PHE A 253 -10.00 -15.22 1.19
N LEU A 254 -10.58 -14.39 2.05
CA LEU A 254 -9.93 -14.01 3.31
C LEU A 254 -10.11 -15.03 4.42
N GLY A 255 -10.63 -16.21 4.07
CA GLY A 255 -10.78 -17.28 5.04
C GLY A 255 -11.87 -17.06 6.09
N GLN A 256 -12.79 -16.15 5.81
CA GLN A 256 -13.86 -15.79 6.75
C GLN A 256 -15.16 -16.54 6.48
N GLN A 257 -16.02 -16.60 7.48
CA GLN A 257 -17.36 -17.16 7.30
C GLN A 257 -18.06 -16.38 6.21
N ALA A 258 -18.75 -17.10 5.33
CA ALA A 258 -19.42 -16.46 4.20
C ALA A 258 -20.77 -17.10 3.94
N GLU A 259 -21.82 -16.31 4.11
CA GLU A 259 -23.19 -16.76 3.92
C GLU A 259 -23.44 -17.14 2.46
N ALA A 260 -23.65 -18.43 2.21
CA ALA A 260 -23.94 -18.90 0.85
C ALA A 260 -25.26 -18.35 0.31
N HIS A 261 -26.26 -18.24 1.18
CA HIS A 261 -27.58 -17.73 0.81
C HIS A 261 -27.69 -16.22 1.08
N TRP A 262 -26.83 -15.46 0.41
CA TRP A 262 -26.75 -14.01 0.61
C TRP A 262 -27.98 -13.25 0.14
N GLN A 263 -28.89 -13.92 -0.54
CA GLN A 263 -30.05 -13.24 -1.14
C GLN A 263 -30.96 -12.60 -0.10
N ASP A 264 -30.93 -13.13 1.12
CA ASP A 264 -31.83 -12.64 2.17
C ASP A 264 -31.13 -11.64 3.09
N PHE A 265 -30.00 -11.11 2.65
CA PHE A 265 -29.25 -10.15 3.44
C PHE A 265 -28.87 -8.95 2.59
N SER A 266 -28.77 -7.79 3.21
CA SER A 266 -28.26 -6.62 2.50
C SER A 266 -26.74 -6.60 2.57
N VAL A 267 -26.13 -5.78 1.72
CA VAL A 267 -24.69 -5.58 1.78
C VAL A 267 -24.26 -5.16 3.19
N GLU A 268 -24.97 -4.20 3.77
CA GLU A 268 -24.59 -3.71 5.10
C GLU A 268 -24.66 -4.80 6.16
N GLN A 269 -25.67 -5.66 6.06
CA GLN A 269 -25.82 -6.77 7.01
C GLN A 269 -24.68 -7.77 6.86
N ILE A 270 -24.30 -8.05 5.62
CA ILE A 270 -23.21 -8.98 5.37
C ILE A 270 -21.93 -8.43 5.97
N LEU A 271 -21.69 -7.14 5.78
CA LEU A 271 -20.50 -6.51 6.36
C LEU A 271 -20.52 -6.43 7.87
N GLN A 272 -21.68 -6.10 8.44
CA GLN A 272 -21.81 -6.03 9.89
C GLN A 272 -21.45 -7.38 10.50
N SER A 273 -21.98 -8.45 9.89
CA SER A 273 -21.67 -9.80 10.35
C SER A 273 -20.19 -10.12 10.15
N ALA A 274 -19.62 -9.66 9.04
CA ALA A 274 -18.19 -9.90 8.80
C ALA A 274 -17.31 -9.21 9.84
N VAL A 275 -17.67 -8.01 10.26
CA VAL A 275 -16.93 -7.35 11.35
C VAL A 275 -17.03 -8.17 12.65
N LYS A 276 -18.26 -8.54 13.01
CA LYS A 276 -18.47 -9.32 14.23
C LYS A 276 -17.69 -10.63 14.20
N ASN A 277 -17.65 -11.26 13.03
CA ASN A 277 -17.03 -12.58 12.88
C ASN A 277 -15.58 -12.57 12.40
N TRP A 278 -14.98 -11.39 12.31
CA TRP A 278 -13.61 -11.26 11.80
C TRP A 278 -12.62 -12.03 12.65
N ARG A 279 -11.86 -12.91 12.01
CA ARG A 279 -10.79 -13.63 12.70
C ARG A 279 -9.54 -13.49 11.87
N LEU A 280 -8.63 -12.63 12.32
CA LEU A 280 -7.39 -12.40 11.59
C LEU A 280 -6.61 -13.69 11.38
N THR A 281 -6.59 -14.55 12.38
CA THR A 281 -5.78 -15.76 12.28
C THR A 281 -6.27 -16.71 11.19
N ALA A 282 -7.53 -16.54 10.76
CA ALA A 282 -8.09 -17.37 9.69
C ALA A 282 -7.70 -16.91 8.29
N VAL A 283 -7.09 -15.73 8.18
CA VAL A 283 -6.68 -15.20 6.87
C VAL A 283 -5.47 -15.99 6.39
N PRO A 284 -5.57 -16.60 5.20
CA PRO A 284 -4.47 -17.46 4.72
C PRO A 284 -3.36 -16.64 4.07
N GLU A 285 -2.23 -17.30 3.76
CA GLU A 285 -1.12 -16.61 3.09
C GLU A 285 -1.27 -16.56 1.56
N SER A 286 -2.13 -17.41 1.02
CA SER A 286 -2.48 -17.34 -0.39
C SER A 286 -3.89 -17.87 -0.59
N ALA A 287 -4.51 -17.51 -1.71
CA ALA A 287 -5.85 -17.96 -2.00
C ALA A 287 -6.08 -17.94 -3.49
N ILE A 288 -6.91 -18.85 -3.95
CA ILE A 288 -7.22 -18.96 -5.38
C ILE A 288 -8.55 -18.28 -5.67
N VAL A 289 -8.54 -17.36 -6.62
CA VAL A 289 -9.77 -16.66 -7.00
C VAL A 289 -10.58 -17.50 -7.99
N ASN A 290 -11.89 -17.31 -8.02
CA ASN A 290 -12.68 -18.05 -9.00
C ASN A 290 -12.59 -17.43 -10.40
N SER A 291 -12.98 -18.19 -11.40
CA SER A 291 -12.76 -17.81 -12.80
C SER A 291 -13.40 -16.47 -13.16
N THR A 292 -14.46 -16.10 -12.45
CA THR A 292 -15.14 -14.83 -12.67
C THR A 292 -14.21 -13.62 -12.51
N PHE A 293 -13.14 -13.79 -11.73
CA PHE A 293 -12.23 -12.70 -11.44
C PHE A 293 -10.84 -12.84 -12.09
N SER A 294 -10.74 -13.69 -13.11
CA SER A 294 -9.47 -13.89 -13.78
C SER A 294 -9.59 -13.77 -15.29
N GLU B . -1.35 3.05 -3.86
CA GLU B . -0.41 1.99 -3.53
C GLU B . -0.95 0.66 -4.05
O GLU B . -2.16 0.43 -4.10
CB GLU B . -0.16 1.94 -2.00
CG GLU B . -0.61 0.69 -1.30
CD GLU B . -0.38 0.71 0.23
OE1 GLU B . 0.75 1.03 0.70
OE2 GLU B . -1.34 0.39 0.96
OXT GLU B . -0.20 -0.22 -4.48
ZN ZN C . 24.47 8.60 -8.51
#